data_5FLW
#
_entry.id   5FLW
#
_cell.length_a   64.926
_cell.length_b   67.343
_cell.length_c   202.126
_cell.angle_alpha   90.00
_cell.angle_beta   90.00
_cell.angle_gamma   90.00
#
_symmetry.space_group_name_H-M   'P 21 21 21'
#
loop_
_entity.id
_entity.type
_entity.pdbx_description
1 polymer EXO-BETA-1,3-GALACTANASE
2 non-polymer 2-[BIS-(2-HYDROXY-ETHYL)-AMINO]-2-HYDROXYMETHYL-PROPANE-1,3-DIOL
3 water water
#
_entity_poly.entity_id   1
_entity_poly.type   'polypeptide(L)'
_entity_poly.pdbx_seq_one_letter_code
;MADRFGAFLPHDTSGDVAQLHGIGLQKFGDTWYAYGENKVNGNLFQGVCCYTTTDFIAWRSHGIVLDVQEDGSALAADRI
GERPKVLHCPATGKYVMYIHAETPDYGYAHIGVAVADAPTGPFAFQTTITWRGYLSRDIGVFQDEDGSGYIMSEDRDHGT
HIYRLADDYLTIVEDVACERATDYPYGLESPTIIKKDGLYYWFGSQLTSWDTNDNKYSTATDLHGPWSEWKLFAPEGAKT
YDSQVDIVVPLDDDPYNSEHFLFIGDRWQEHDLGNSPIVQMPISIADGVASLTWSDTYEGTTHR
;
_entity_poly.pdbx_strand_id   A,B
#
loop_
_chem_comp.id
_chem_comp.type
_chem_comp.name
_chem_comp.formula
BTB non-polymer 2-[BIS-(2-HYDROXY-ETHYL)-AMINO]-2-HYDROXYMETHYL-PROPANE-1,3-DIOL 'C8 H19 N O5'
#
# COMPACT_ATOMS: atom_id res chain seq x y z
N ASP A 3 19.23 37.55 -0.31
CA ASP A 3 18.21 36.57 -0.73
C ASP A 3 17.87 36.74 -2.18
N ARG A 4 17.22 35.73 -2.75
CA ARG A 4 16.79 35.79 -4.14
C ARG A 4 15.27 35.62 -4.13
N PHE A 5 14.54 36.71 -4.37
CA PHE A 5 13.09 36.69 -4.33
C PHE A 5 12.52 37.15 -5.66
N GLY A 6 11.35 36.60 -6.00
CA GLY A 6 10.61 36.94 -7.20
C GLY A 6 10.27 35.70 -8.01
N ALA A 7 10.11 35.89 -9.32
CA ALA A 7 9.78 34.82 -10.26
C ALA A 7 11.00 34.62 -11.16
N PHE A 8 11.46 33.38 -11.29
CA PHE A 8 12.67 33.10 -12.06
C PHE A 8 12.77 31.61 -12.34
N LEU A 9 13.61 31.30 -13.34
CA LEU A 9 13.94 29.91 -13.64
C LEU A 9 15.27 29.59 -12.97
N PRO A 10 15.29 28.73 -11.96
CA PRO A 10 16.56 28.45 -11.25
C PRO A 10 17.47 27.54 -12.08
N HIS A 11 18.77 27.66 -11.78
CA HIS A 11 19.86 26.86 -12.35
C HIS A 11 20.68 26.28 -11.20
N ASP A 12 21.28 25.12 -11.46
CA ASP A 12 22.19 24.55 -10.50
C ASP A 12 23.64 24.98 -10.79
N THR A 13 24.54 24.60 -9.88
CA THR A 13 25.94 25.02 -10.00
C THR A 13 26.69 24.30 -11.13
N SER A 14 26.06 23.33 -11.78
CA SER A 14 26.61 22.67 -12.96
C SER A 14 26.20 23.36 -14.26
N GLY A 15 25.37 24.42 -14.18
CA GLY A 15 24.92 25.09 -15.40
C GLY A 15 23.62 24.56 -16.00
N ASP A 16 23.00 23.54 -15.43
CA ASP A 16 21.71 23.05 -15.91
C ASP A 16 20.54 23.77 -15.25
N VAL A 17 19.41 23.87 -15.98
CA VAL A 17 18.18 24.25 -15.30
C VAL A 17 17.95 23.34 -14.09
N ALA A 18 17.66 23.93 -12.92
CA ALA A 18 17.34 23.13 -11.72
C ALA A 18 15.86 22.72 -11.79
N GLN A 19 15.59 21.41 -11.78
CA GLN A 19 14.24 20.87 -11.90
C GLN A 19 13.51 20.98 -10.54
N LEU A 20 13.32 22.22 -10.11
CA LEU A 20 12.70 22.50 -8.81
C LEU A 20 11.18 22.64 -8.99
N HIS A 21 10.55 21.54 -9.45
CA HIS A 21 9.13 21.51 -9.80
C HIS A 21 8.40 20.56 -8.86
N GLY A 22 7.31 21.06 -8.26
CA GLY A 22 6.54 20.28 -7.31
C GLY A 22 7.35 19.78 -6.13
N ILE A 23 8.27 20.62 -5.60
CA ILE A 23 9.32 20.09 -4.72
C ILE A 23 8.82 19.73 -3.33
N GLY A 24 9.53 18.78 -2.72
CA GLY A 24 9.62 18.68 -1.28
C GLY A 24 10.93 19.32 -0.84
N LEU A 25 10.93 19.86 0.39
CA LEU A 25 12.10 20.45 1.03
C LEU A 25 12.22 19.92 2.44
N GLN A 26 13.44 19.54 2.83
CA GLN A 26 13.74 19.08 4.18
C GLN A 26 15.10 19.61 4.58
N LYS A 27 15.24 20.05 5.83
CA LYS A 27 16.53 20.44 6.38
C LYS A 27 17.09 19.28 7.20
N PHE A 28 18.22 18.73 6.75
CA PHE A 28 18.93 17.68 7.47
C PHE A 28 20.32 18.22 7.80
N GLY A 29 20.68 18.22 9.08
CA GLY A 29 21.86 18.95 9.50
C GLY A 29 21.70 20.45 9.22
N ASP A 30 22.71 21.03 8.61
CA ASP A 30 22.73 22.46 8.32
C ASP A 30 22.36 22.78 6.86
N THR A 31 21.86 21.78 6.12
CA THR A 31 21.66 21.88 4.68
C THR A 31 20.21 21.58 4.31
N TRP A 32 19.66 22.37 3.37
CA TRP A 32 18.34 22.13 2.80
C TRP A 32 18.45 21.17 1.62
N TYR A 33 17.56 20.18 1.59
CA TYR A 33 17.47 19.22 0.50
C TYR A 33 16.14 19.42 -0.22
N ALA A 34 16.21 19.65 -1.53
CA ALA A 34 15.02 19.74 -2.37
C ALA A 34 14.89 18.48 -3.23
N TYR A 35 13.67 17.98 -3.39
CA TYR A 35 13.38 16.84 -4.25
C TYR A 35 12.35 17.30 -5.27
N GLY A 36 12.71 17.29 -6.57
CA GLY A 36 11.84 17.85 -7.58
C GLY A 36 11.55 16.89 -8.72
N GLU A 37 10.46 17.21 -9.47
CA GLU A 37 10.12 16.44 -10.67
C GLU A 37 11.09 16.78 -11.79
N ASN A 38 11.77 15.77 -12.34
CA ASN A 38 12.54 15.98 -13.57
C ASN A 38 11.56 16.06 -14.74
N LYS A 39 11.46 17.23 -15.40
CA LYS A 39 10.48 17.42 -16.47
C LYS A 39 11.11 17.88 -17.78
N VAL A 40 12.41 17.57 -17.99
N VAL A 40 12.41 17.57 -17.99
CA VAL A 40 13.13 18.09 -19.16
CA VAL A 40 13.13 18.09 -19.15
C VAL A 40 12.47 17.69 -20.47
C VAL A 40 12.46 17.70 -20.46
N ASN A 41 11.83 16.52 -20.50
CA ASN A 41 11.20 16.02 -21.71
C ASN A 41 9.69 15.84 -21.55
N GLY A 42 9.04 16.66 -20.71
CA GLY A 42 7.57 16.68 -20.67
C GLY A 42 6.98 16.09 -19.40
N ASN A 43 5.74 15.59 -19.48
CA ASN A 43 4.94 15.27 -18.29
C ASN A 43 5.09 13.85 -17.76
N LEU A 44 5.77 12.93 -18.47
CA LEU A 44 5.88 11.56 -17.98
C LEU A 44 7.04 11.44 -16.97
N PHE A 45 7.03 10.35 -16.21
CA PHE A 45 8.01 10.21 -15.16
C PHE A 45 9.43 10.07 -15.72
N GLN A 46 10.35 10.96 -15.28
CA GLN A 46 11.74 10.96 -15.71
C GLN A 46 12.68 10.95 -14.52
N GLY A 47 12.19 10.58 -13.34
CA GLY A 47 13.01 10.54 -12.15
C GLY A 47 12.74 11.73 -11.21
N VAL A 48 13.30 11.58 -10.01
CA VAL A 48 13.27 12.62 -8.98
C VAL A 48 14.68 13.18 -8.87
N CYS A 49 14.80 14.49 -9.03
CA CYS A 49 16.06 15.22 -8.92
C CYS A 49 16.24 15.74 -7.50
N CYS A 50 17.48 15.65 -6.98
CA CYS A 50 17.83 16.17 -5.67
C CYS A 50 18.80 17.33 -5.80
N TYR A 51 18.54 18.42 -5.06
CA TYR A 51 19.46 19.56 -4.97
C TYR A 51 19.63 19.96 -3.50
N THR A 52 20.79 20.51 -3.17
CA THR A 52 21.01 21.05 -1.84
C THR A 52 21.34 22.54 -1.89
N THR A 53 21.06 23.23 -0.79
CA THR A 53 21.35 24.65 -0.67
C THR A 53 21.49 25.00 0.80
N THR A 54 22.23 26.06 1.05
CA THR A 54 22.19 26.71 2.35
C THR A 54 21.62 28.12 2.29
N ASP A 55 21.35 28.65 1.08
CA ASP A 55 20.90 30.03 0.96
C ASP A 55 19.72 30.24 0.02
N PHE A 56 19.23 29.19 -0.66
CA PHE A 56 18.17 29.31 -1.65
C PHE A 56 18.56 30.21 -2.82
N ILE A 57 19.86 30.41 -3.00
CA ILE A 57 20.41 31.08 -4.19
C ILE A 57 21.16 30.09 -5.07
N ALA A 58 22.18 29.43 -4.53
CA ALA A 58 22.95 28.41 -5.26
C ALA A 58 22.40 27.02 -4.95
N TRP A 59 22.25 26.21 -5.98
CA TRP A 59 21.68 24.88 -5.83
C TRP A 59 22.67 23.85 -6.36
N ARG A 60 23.13 22.97 -5.49
CA ARG A 60 24.05 21.93 -5.91
C ARG A 60 23.28 20.65 -6.28
N SER A 61 23.46 20.16 -7.50
CA SER A 61 22.76 18.97 -7.93
C SER A 61 23.37 17.71 -7.29
N HIS A 62 22.51 16.80 -6.85
CA HIS A 62 22.90 15.45 -6.47
C HIS A 62 22.35 14.39 -7.43
N GLY A 63 21.91 14.82 -8.63
CA GLY A 63 21.47 13.90 -9.66
C GLY A 63 20.09 13.34 -9.40
N ILE A 64 19.76 12.33 -10.20
CA ILE A 64 18.50 11.62 -10.07
C ILE A 64 18.63 10.61 -8.93
N VAL A 65 17.82 10.78 -7.87
CA VAL A 65 17.88 9.94 -6.69
C VAL A 65 16.78 8.87 -6.65
N LEU A 66 15.73 9.00 -7.45
CA LEU A 66 14.76 7.93 -7.70
C LEU A 66 14.62 7.82 -9.21
N ASP A 67 15.10 6.71 -9.75
CA ASP A 67 15.15 6.54 -11.19
C ASP A 67 13.78 6.17 -11.76
N VAL A 68 13.63 6.41 -13.07
CA VAL A 68 12.61 5.71 -13.82
C VAL A 68 12.82 4.20 -13.61
N GLN A 69 11.72 3.48 -13.40
CA GLN A 69 11.75 2.05 -13.11
C GLN A 69 11.42 1.24 -14.38
N GLU A 70 11.42 -0.09 -14.26
CA GLU A 70 11.27 -0.90 -15.46
C GLU A 70 9.82 -0.94 -15.93
N ASP A 71 9.65 -1.23 -17.22
CA ASP A 71 8.34 -1.39 -17.81
C ASP A 71 7.52 -2.40 -17.01
N GLY A 72 6.24 -2.08 -16.81
CA GLY A 72 5.35 -2.90 -16.00
C GLY A 72 5.23 -2.47 -14.55
N SER A 73 6.10 -1.57 -14.08
CA SER A 73 6.00 -1.00 -12.73
C SER A 73 5.24 0.33 -12.77
N ALA A 74 4.85 0.79 -11.56
CA ALA A 74 4.07 2.01 -11.45
C ALA A 74 4.91 3.28 -11.70
N LEU A 75 6.23 3.16 -11.82
CA LEU A 75 7.09 4.29 -12.14
C LEU A 75 7.90 4.04 -13.41
N ALA A 76 7.34 3.27 -14.34
CA ALA A 76 7.93 3.08 -15.66
C ALA A 76 7.85 4.38 -16.48
N ALA A 77 8.56 4.39 -17.61
CA ALA A 77 8.69 5.60 -18.44
C ALA A 77 7.36 6.07 -19.00
N ASP A 78 6.34 5.20 -19.05
CA ASP A 78 5.04 5.55 -19.57
C ASP A 78 4.09 6.04 -18.49
N ARG A 79 4.50 6.02 -17.22
CA ARG A 79 3.69 6.46 -16.09
C ARG A 79 4.04 7.91 -15.72
N ILE A 80 3.37 8.38 -14.67
CA ILE A 80 3.56 9.72 -14.12
C ILE A 80 3.90 9.62 -12.63
N GLY A 81 4.85 10.43 -12.19
CA GLY A 81 5.28 10.47 -10.80
C GLY A 81 5.50 11.92 -10.42
N GLU A 82 4.61 12.45 -9.59
CA GLU A 82 4.66 13.86 -9.21
C GLU A 82 4.76 14.20 -7.72
N ARG A 83 5.19 15.42 -7.46
CA ARG A 83 5.25 15.99 -6.11
C ARG A 83 5.99 15.10 -5.10
N PRO A 84 7.25 14.73 -5.40
CA PRO A 84 8.01 13.88 -4.47
C PRO A 84 8.23 14.60 -3.15
N LYS A 85 8.19 13.83 -2.06
CA LYS A 85 8.40 14.33 -0.71
C LYS A 85 9.28 13.32 0.03
N VAL A 86 10.09 13.82 0.96
CA VAL A 86 10.98 12.98 1.77
C VAL A 86 10.81 13.33 3.25
N LEU A 87 10.79 12.30 4.10
CA LEU A 87 10.88 12.48 5.55
C LEU A 87 11.98 11.58 6.09
N HIS A 88 12.61 12.02 7.18
CA HIS A 88 13.58 11.20 7.92
C HIS A 88 12.83 10.52 9.06
N CYS A 89 12.87 9.17 9.08
CA CYS A 89 12.07 8.38 10.03
C CYS A 89 12.80 8.27 11.36
N PRO A 90 12.26 8.80 12.46
CA PRO A 90 12.99 8.73 13.74
C PRO A 90 13.24 7.31 14.23
N ALA A 91 12.25 6.42 14.04
CA ALA A 91 12.38 5.08 14.64
C ALA A 91 13.41 4.23 13.91
N THR A 92 13.60 4.45 12.59
CA THR A 92 14.44 3.58 11.79
C THR A 92 15.70 4.26 11.28
N GLY A 93 15.75 5.59 11.26
CA GLY A 93 16.84 6.31 10.65
C GLY A 93 16.82 6.34 9.13
N LYS A 94 15.85 5.72 8.49
CA LYS A 94 15.80 5.71 7.04
C LYS A 94 15.19 7.02 6.51
N TYR A 95 15.51 7.31 5.25
CA TYR A 95 14.87 8.39 4.51
C TYR A 95 13.81 7.76 3.59
N VAL A 96 12.55 8.15 3.79
CA VAL A 96 11.44 7.58 3.04
C VAL A 96 10.92 8.65 2.09
N MET A 97 10.79 8.28 0.82
CA MET A 97 10.24 9.14 -0.20
C MET A 97 8.82 8.70 -0.57
N TYR A 98 7.93 9.69 -0.74
CA TYR A 98 6.54 9.52 -1.16
C TYR A 98 6.36 10.22 -2.50
N ILE A 99 5.53 9.65 -3.38
CA ILE A 99 5.33 10.25 -4.70
C ILE A 99 3.90 9.99 -5.13
N HIS A 100 3.32 10.93 -5.86
CA HIS A 100 2.03 10.68 -6.47
C HIS A 100 2.28 9.81 -7.71
N ALA A 101 1.93 8.51 -7.62
CA ALA A 101 2.05 7.61 -8.74
C ALA A 101 0.75 7.66 -9.54
N GLU A 102 0.85 7.92 -10.84
CA GLU A 102 -0.31 8.23 -11.66
C GLU A 102 -0.13 7.57 -13.03
N THR A 103 -1.23 7.48 -13.78
CA THR A 103 -1.20 7.01 -15.16
C THR A 103 -1.68 8.13 -16.08
N PRO A 104 -1.37 8.07 -17.39
CA PRO A 104 -1.81 9.17 -18.29
C PRO A 104 -3.32 9.36 -18.33
N ASP A 105 -4.11 8.30 -18.10
CA ASP A 105 -5.56 8.44 -18.04
C ASP A 105 -6.03 9.02 -16.70
N TYR A 106 -5.12 9.18 -15.73
CA TYR A 106 -5.40 9.85 -14.47
C TYR A 106 -6.35 9.12 -13.53
N GLY A 107 -6.55 7.83 -13.73
CA GLY A 107 -7.40 7.00 -12.90
C GLY A 107 -6.70 6.24 -11.80
N TYR A 108 -5.37 6.29 -11.70
CA TYR A 108 -4.68 5.42 -10.74
C TYR A 108 -4.63 6.01 -9.34
N ALA A 109 -4.10 7.23 -9.22
CA ALA A 109 -4.22 8.02 -7.99
C ALA A 109 -3.72 7.26 -6.75
N HIS A 110 -2.44 6.88 -6.77
CA HIS A 110 -1.81 6.20 -5.64
C HIS A 110 -0.67 7.03 -5.05
N ILE A 111 -0.21 6.60 -3.87
CA ILE A 111 1.05 7.06 -3.28
C ILE A 111 2.09 5.96 -3.53
N GLY A 112 3.24 6.33 -4.09
CA GLY A 112 4.39 5.41 -4.16
C GLY A 112 5.35 5.68 -3.01
N VAL A 113 5.96 4.60 -2.49
CA VAL A 113 6.87 4.65 -1.35
C VAL A 113 8.22 4.06 -1.76
N ALA A 114 9.31 4.82 -1.51
CA ALA A 114 10.70 4.38 -1.74
C ALA A 114 11.54 4.72 -0.50
N VAL A 115 12.66 4.02 -0.33
N VAL A 115 12.66 4.01 -0.34
CA VAL A 115 13.46 4.09 0.90
CA VAL A 115 13.46 4.13 0.87
C VAL A 115 14.94 4.19 0.58
C VAL A 115 14.95 4.24 0.54
N ALA A 116 15.66 5.01 1.34
CA ALA A 116 17.10 5.16 1.20
C ALA A 116 17.76 5.21 2.58
N ASP A 117 19.07 4.89 2.62
CA ASP A 117 19.86 5.07 3.84
C ASP A 117 20.42 6.46 4.01
N ALA A 118 20.47 7.26 2.95
CA ALA A 118 21.03 8.60 2.95
C ALA A 118 20.04 9.53 2.22
N PRO A 119 20.05 10.83 2.54
CA PRO A 119 19.08 11.74 1.88
C PRO A 119 19.35 11.94 0.39
N THR A 120 20.51 11.57 -0.12
CA THR A 120 20.81 11.65 -1.54
C THR A 120 20.61 10.32 -2.25
N GLY A 121 19.94 9.37 -1.61
CA GLY A 121 19.64 8.10 -2.24
C GLY A 121 20.85 7.19 -2.42
N PRO A 122 20.77 6.25 -3.39
CA PRO A 122 19.61 5.98 -4.25
C PRO A 122 18.40 5.48 -3.47
N PHE A 123 17.20 5.91 -3.85
CA PHE A 123 15.96 5.42 -3.25
C PHE A 123 15.52 4.15 -3.97
N ALA A 124 15.12 3.14 -3.21
CA ALA A 124 14.63 1.88 -3.76
C ALA A 124 13.09 1.90 -3.70
N PHE A 125 12.47 1.78 -4.87
CA PHE A 125 11.02 1.80 -4.97
C PHE A 125 10.41 0.50 -4.41
N GLN A 126 9.48 0.65 -3.46
CA GLN A 126 8.87 -0.49 -2.77
C GLN A 126 7.40 -0.71 -3.12
N THR A 127 6.49 0.13 -2.65
CA THR A 127 5.06 -0.15 -2.73
C THR A 127 4.33 1.00 -3.44
N THR A 128 3.11 0.70 -3.90
CA THR A 128 2.10 1.75 -4.08
C THR A 128 0.98 1.45 -3.10
N ILE A 129 0.40 2.50 -2.50
CA ILE A 129 -0.59 2.35 -1.45
C ILE A 129 -1.70 3.37 -1.65
N THR A 130 -2.87 3.04 -1.06
CA THR A 130 -3.97 3.98 -0.88
C THR A 130 -4.51 3.75 0.53
N TRP A 131 -5.25 4.73 1.06
CA TRP A 131 -6.08 4.51 2.25
C TRP A 131 -7.45 4.05 1.77
N ARG A 132 -7.83 2.81 2.11
CA ARG A 132 -9.19 2.29 1.87
C ARG A 132 -9.58 2.21 0.38
N GLY A 133 -8.60 2.28 -0.53
CA GLY A 133 -8.88 2.38 -1.95
C GLY A 133 -9.17 3.78 -2.45
N TYR A 134 -9.11 4.80 -1.59
CA TYR A 134 -9.47 6.17 -1.98
C TYR A 134 -8.42 6.76 -2.92
N LEU A 135 -8.88 7.71 -3.76
CA LEU A 135 -7.99 8.46 -4.62
C LEU A 135 -6.97 9.25 -3.80
N SER A 136 -5.71 9.22 -4.23
CA SER A 136 -4.67 10.11 -3.72
C SER A 136 -3.94 10.73 -4.92
N ARG A 137 -3.97 12.06 -5.03
CA ARG A 137 -3.25 12.76 -6.09
C ARG A 137 -2.17 13.67 -5.49
N ASP A 138 -2.35 14.99 -5.47
CA ASP A 138 -1.30 15.84 -4.89
C ASP A 138 -1.03 15.45 -3.44
N ILE A 139 0.25 15.45 -3.06
CA ILE A 139 0.66 15.11 -1.71
C ILE A 139 1.61 16.18 -1.17
N GLY A 140 1.66 16.25 0.17
CA GLY A 140 2.71 16.95 0.90
C GLY A 140 3.02 16.17 2.16
N VAL A 141 4.04 16.61 2.91
CA VAL A 141 4.39 15.95 4.16
C VAL A 141 4.54 16.96 5.31
N PHE A 142 4.37 16.46 6.53
CA PHE A 142 4.61 17.26 7.72
C PHE A 142 5.13 16.35 8.84
N GLN A 143 6.16 16.81 9.54
CA GLN A 143 6.72 16.10 10.68
C GLN A 143 6.59 17.00 11.91
N ASP A 144 5.84 16.52 12.91
CA ASP A 144 5.52 17.28 14.11
C ASP A 144 6.65 17.18 15.16
N GLU A 145 6.53 17.99 16.22
N GLU A 145 6.54 18.01 16.22
CA GLU A 145 7.60 18.12 17.21
CA GLU A 145 7.63 18.09 17.21
C GLU A 145 7.80 16.83 17.99
C GLU A 145 7.82 16.79 17.96
N ASP A 146 6.74 16.02 18.13
CA ASP A 146 6.82 14.74 18.82
C ASP A 146 7.38 13.62 17.94
N GLY A 147 7.74 13.91 16.69
CA GLY A 147 8.27 12.91 15.78
C GLY A 147 7.23 12.23 14.91
N SER A 148 5.94 12.51 15.11
CA SER A 148 4.93 11.92 14.24
C SER A 148 5.06 12.46 12.82
N GLY A 149 4.89 11.56 11.84
CA GLY A 149 4.95 11.92 10.44
C GLY A 149 3.57 11.85 9.81
N TYR A 150 3.33 12.73 8.84
CA TYR A 150 2.05 12.85 8.18
C TYR A 150 2.25 13.05 6.68
N ILE A 151 1.32 12.49 5.92
CA ILE A 151 1.23 12.78 4.50
CA ILE A 151 1.22 12.76 4.49
C ILE A 151 -0.14 13.40 4.24
N MET A 152 -0.14 14.56 3.56
CA MET A 152 -1.38 15.19 3.14
C MET A 152 -1.68 14.73 1.73
N SER A 153 -2.95 14.49 1.43
CA SER A 153 -3.31 13.77 0.20
C SER A 153 -4.64 14.27 -0.32
N GLU A 154 -4.64 14.87 -1.51
CA GLU A 154 -5.89 15.35 -2.11
C GLU A 154 -6.67 14.18 -2.73
N ASP A 155 -7.94 14.06 -2.34
CA ASP A 155 -8.81 12.96 -2.70
C ASP A 155 -10.08 13.57 -3.29
N ARG A 156 -10.25 13.47 -4.63
CA ARG A 156 -11.31 14.24 -5.29
C ARG A 156 -12.72 13.89 -4.78
N ASP A 157 -12.92 12.67 -4.26
CA ASP A 157 -14.26 12.28 -3.82
C ASP A 157 -14.57 12.76 -2.39
N HIS A 158 -13.56 13.13 -1.58
CA HIS A 158 -13.80 13.36 -0.15
C HIS A 158 -13.29 14.69 0.39
N GLY A 159 -12.11 15.12 -0.04
CA GLY A 159 -11.45 16.28 0.50
C GLY A 159 -9.97 16.00 0.56
N THR A 160 -9.23 16.89 1.22
CA THR A 160 -7.79 16.68 1.37
C THR A 160 -7.51 16.12 2.76
N HIS A 161 -6.88 14.94 2.80
CA HIS A 161 -6.61 14.22 4.03
C HIS A 161 -5.30 14.67 4.65
N ILE A 162 -5.26 14.58 5.97
CA ILE A 162 -4.01 14.45 6.73
C ILE A 162 -3.99 13.01 7.22
N TYR A 163 -3.01 12.23 6.73
CA TYR A 163 -2.85 10.83 7.11
C TYR A 163 -1.64 10.68 8.02
N ARG A 164 -1.81 9.98 9.14
CA ARG A 164 -0.69 9.70 10.02
C ARG A 164 0.04 8.44 9.57
N LEU A 165 1.37 8.50 9.53
CA LEU A 165 2.18 7.37 9.13
C LEU A 165 2.43 6.44 10.31
N ALA A 166 2.65 5.16 9.99
CA ALA A 166 3.19 4.21 10.94
C ALA A 166 4.56 4.70 11.43
N ASP A 167 5.00 4.13 12.57
CA ASP A 167 6.28 4.55 13.14
C ASP A 167 7.46 4.31 12.21
N ASP A 168 7.40 3.31 11.35
CA ASP A 168 8.48 3.11 10.38
C ASP A 168 8.30 3.97 9.12
N TYR A 169 7.27 4.81 9.08
CA TYR A 169 7.02 5.77 8.01
C TYR A 169 6.68 5.13 6.66
N LEU A 170 6.41 3.80 6.60
CA LEU A 170 6.25 3.11 5.32
C LEU A 170 4.79 2.97 4.88
N THR A 171 3.83 3.20 5.78
CA THR A 171 2.41 3.12 5.43
C THR A 171 1.61 4.06 6.34
N ILE A 172 0.28 4.09 6.12
CA ILE A 172 -0.65 5.00 6.79
C ILE A 172 -1.48 4.21 7.79
N VAL A 173 -1.67 4.79 8.98
CA VAL A 173 -2.39 4.13 10.06
C VAL A 173 -3.59 4.93 10.56
N GLU A 174 -3.79 6.17 10.11
CA GLU A 174 -4.93 6.94 10.60
C GLU A 174 -5.32 8.02 9.60
N ASP A 175 -6.62 8.16 9.37
CA ASP A 175 -7.18 9.27 8.60
C ASP A 175 -7.47 10.38 9.62
N VAL A 176 -6.48 11.27 9.79
CA VAL A 176 -6.50 12.25 10.89
C VAL A 176 -7.57 13.31 10.63
N ALA A 177 -7.65 13.79 9.38
CA ALA A 177 -8.57 14.83 8.97
C ALA A 177 -8.82 14.68 7.47
N CYS A 178 -9.99 15.15 7.04
CA CYS A 178 -10.29 15.19 5.61
C CYS A 178 -11.13 16.46 5.40
N GLU A 179 -10.53 17.48 4.80
CA GLU A 179 -11.13 18.81 4.76
C GLU A 179 -11.45 19.24 3.34
N ARG A 180 -12.64 19.81 3.19
CA ARG A 180 -12.99 20.56 2.00
C ARG A 180 -12.85 22.03 2.33
N ALA A 181 -12.44 22.82 1.34
CA ALA A 181 -12.34 24.25 1.56
C ALA A 181 -13.73 24.85 1.78
N THR A 182 -13.73 26.00 2.45
CA THR A 182 -14.96 26.69 2.80
C THR A 182 -15.81 26.95 1.54
N ASP A 183 -17.09 26.55 1.60
CA ASP A 183 -18.00 26.76 0.49
C ASP A 183 -17.44 26.17 -0.81
N TYR A 184 -16.77 25.02 -0.72
CA TYR A 184 -16.11 24.41 -1.88
C TYR A 184 -16.42 22.92 -1.81
N PRO A 185 -16.64 22.27 -2.95
CA PRO A 185 -16.97 20.83 -2.96
C PRO A 185 -15.76 19.92 -2.78
N TYR A 186 -14.55 20.49 -2.67
CA TYR A 186 -13.32 19.71 -2.66
C TYR A 186 -12.37 20.25 -1.62
N GLY A 187 -11.37 19.43 -1.31
CA GLY A 187 -10.20 19.96 -0.64
C GLY A 187 -9.36 20.75 -1.62
N LEU A 188 -8.35 21.43 -1.10
CA LEU A 188 -7.45 22.18 -1.95
C LEU A 188 -6.27 21.27 -2.28
N GLU A 189 -5.74 21.57 -3.45
CA GLU A 189 -4.66 20.65 -3.76
C GLU A 189 -3.28 21.21 -3.37
N SER A 190 -2.09 20.64 -3.86
CA SER A 190 -0.73 21.08 -3.52
C SER A 190 -0.62 21.50 -2.05
N PRO A 191 -0.94 20.58 -1.15
CA PRO A 191 -0.93 20.93 0.29
C PRO A 191 0.47 21.10 0.86
N THR A 192 0.56 22.00 1.85
CA THR A 192 1.75 22.18 2.66
C THR A 192 1.32 22.68 4.04
N ILE A 193 2.00 22.22 5.10
CA ILE A 193 1.66 22.58 6.48
C ILE A 193 2.93 22.97 7.23
N ILE A 194 2.82 24.05 8.03
CA ILE A 194 3.85 24.44 8.98
C ILE A 194 3.18 24.63 10.34
N LYS A 195 4.00 24.74 11.37
CA LYS A 195 3.54 24.97 12.73
C LYS A 195 4.32 26.12 13.35
N LYS A 196 3.61 27.02 14.04
CA LYS A 196 4.25 28.10 14.75
C LYS A 196 3.52 28.34 16.08
N ASP A 197 4.25 28.24 17.18
CA ASP A 197 3.71 28.54 18.52
C ASP A 197 2.39 27.82 18.76
N GLY A 198 2.40 26.51 18.45
CA GLY A 198 1.27 25.65 18.74
C GLY A 198 0.14 25.68 17.72
N LEU A 199 0.20 26.53 16.68
CA LEU A 199 -0.85 26.64 15.68
C LEU A 199 -0.33 26.08 14.36
N TYR A 200 -1.14 25.20 13.74
CA TYR A 200 -0.82 24.64 12.42
C TYR A 200 -1.40 25.53 11.33
N TYR A 201 -0.63 25.76 10.27
CA TYR A 201 -1.07 26.54 9.12
C TYR A 201 -0.99 25.60 7.91
N TRP A 202 -2.11 25.45 7.20
CA TRP A 202 -2.27 24.53 6.09
C TRP A 202 -2.64 25.35 4.86
N PHE A 203 -1.78 25.31 3.84
CA PHE A 203 -1.96 26.05 2.59
C PHE A 203 -2.32 25.10 1.46
N GLY A 204 -3.09 25.59 0.48
CA GLY A 204 -3.38 24.82 -0.71
C GLY A 204 -3.91 25.69 -1.82
N SER A 205 -4.12 25.07 -2.99
CA SER A 205 -4.58 25.75 -4.19
C SER A 205 -5.96 25.27 -4.62
N GLN A 206 -6.74 26.19 -5.18
CA GLN A 206 -8.02 25.77 -5.75
C GLN A 206 -7.77 24.88 -6.97
N LEU A 207 -8.84 24.22 -7.41
CA LEU A 207 -8.80 23.29 -8.54
C LEU A 207 -9.27 24.08 -9.76
N THR A 208 -8.32 24.69 -10.47
CA THR A 208 -8.62 25.48 -11.65
C THR A 208 -7.73 25.09 -12.82
N SER A 209 -7.38 23.81 -12.85
CA SER A 209 -6.52 23.24 -13.88
C SER A 209 -5.22 24.03 -14.08
N TRP A 210 -4.89 24.37 -15.32
CA TRP A 210 -3.65 25.10 -15.60
C TRP A 210 -3.64 26.54 -15.10
N ASP A 211 -4.82 27.15 -15.01
CA ASP A 211 -4.93 28.52 -14.52
C ASP A 211 -4.50 28.61 -13.06
N THR A 212 -3.80 29.68 -12.73
CA THR A 212 -3.50 29.99 -11.34
C THR A 212 -4.72 30.63 -10.69
N ASN A 213 -4.78 30.55 -9.36
CA ASN A 213 -5.92 31.03 -8.60
C ASN A 213 -5.44 31.63 -7.28
N ASP A 214 -6.37 32.23 -6.56
CA ASP A 214 -6.06 32.77 -5.24
C ASP A 214 -6.01 31.60 -4.27
N ASN A 215 -4.79 31.22 -3.88
CA ASN A 215 -4.60 30.11 -2.95
C ASN A 215 -5.04 30.53 -1.53
N LYS A 216 -5.28 29.53 -0.67
CA LYS A 216 -5.84 29.82 0.65
C LYS A 216 -5.15 29.01 1.74
N TYR A 217 -5.41 29.41 2.99
CA TYR A 217 -4.91 28.70 4.15
C TYR A 217 -5.96 28.56 5.25
N SER A 218 -5.74 27.58 6.13
CA SER A 218 -6.57 27.31 7.29
C SER A 218 -5.65 27.04 8.47
N THR A 219 -6.15 27.28 9.69
CA THR A 219 -5.38 27.06 10.91
C THR A 219 -6.15 26.16 11.88
N ALA A 220 -5.41 25.50 12.76
CA ALA A 220 -5.97 24.64 13.79
C ALA A 220 -4.93 24.44 14.87
N THR A 221 -5.41 24.13 16.09
CA THR A 221 -4.54 23.79 17.21
C THR A 221 -4.36 22.29 17.37
N ASP A 222 -5.08 21.50 16.59
CA ASP A 222 -4.91 20.05 16.56
C ASP A 222 -5.08 19.66 15.11
N LEU A 223 -4.21 18.73 14.64
CA LEU A 223 -4.28 18.28 13.24
C LEU A 223 -5.61 17.60 12.91
N HIS A 224 -6.29 17.03 13.92
CA HIS A 224 -7.66 16.56 13.71
C HIS A 224 -8.66 17.69 13.53
N GLY A 225 -8.29 18.93 13.82
CA GLY A 225 -9.23 20.03 13.74
C GLY A 225 -9.79 20.41 15.12
N PRO A 226 -10.78 21.32 15.14
CA PRO A 226 -11.40 21.95 13.96
C PRO A 226 -10.47 22.87 13.18
N TRP A 227 -10.59 22.77 11.86
CA TRP A 227 -9.88 23.67 10.97
C TRP A 227 -10.73 24.90 10.67
N SER A 228 -10.07 26.06 10.70
CA SER A 228 -10.74 27.35 10.54
C SER A 228 -11.21 27.53 9.09
N GLU A 229 -11.99 28.59 8.89
CA GLU A 229 -12.36 29.03 7.55
C GLU A 229 -11.11 29.18 6.67
N TRP A 230 -11.22 28.86 5.40
CA TRP A 230 -10.09 29.00 4.49
C TRP A 230 -10.07 30.44 3.97
N LYS A 231 -9.01 31.13 3.99
CA LYS A 231 -8.75 32.54 3.72
C LYS A 231 -7.60 32.75 2.74
N LEU A 232 -7.64 33.73 1.99
CA LEU A 232 -6.57 34.03 1.06
C LEU A 232 -5.36 34.53 1.82
N PHE A 233 -4.16 34.17 1.37
CA PHE A 233 -2.93 34.74 1.95
C PHE A 233 -2.21 35.76 1.07
N ALA A 234 -2.50 35.81 -0.23
CA ALA A 234 -2.03 36.84 -1.16
C ALA A 234 -3.20 37.75 -1.55
N PRO A 235 -2.91 38.90 -2.18
CA PRO A 235 -4.00 39.83 -2.50
C PRO A 235 -5.03 39.19 -3.42
N GLU A 236 -6.28 39.59 -3.21
CA GLU A 236 -7.36 39.12 -4.06
C GLU A 236 -7.11 39.48 -5.51
N GLY A 237 -7.23 38.48 -6.39
CA GLY A 237 -6.99 38.68 -7.79
C GLY A 237 -5.54 38.57 -8.20
N ALA A 238 -4.60 38.50 -7.25
CA ALA A 238 -3.20 38.32 -7.62
C ALA A 238 -2.89 36.89 -8.07
N LYS A 239 -3.84 35.95 -7.93
CA LYS A 239 -3.61 34.54 -8.29
C LYS A 239 -2.34 33.99 -7.63
N THR A 240 -2.10 34.35 -6.37
CA THR A 240 -0.92 33.90 -5.63
C THR A 240 0.36 34.32 -6.38
N TYR A 241 0.33 35.54 -6.91
CA TYR A 241 1.42 36.04 -7.77
C TYR A 241 1.66 35.13 -8.97
N ASP A 242 0.54 34.73 -9.59
CA ASP A 242 0.53 33.86 -10.77
C ASP A 242 1.37 32.60 -10.54
N SER A 243 1.06 31.89 -9.46
CA SER A 243 1.75 30.64 -9.15
C SER A 243 0.78 29.70 -8.45
N GLN A 244 1.23 28.47 -8.24
CA GLN A 244 0.51 27.48 -7.46
C GLN A 244 1.38 27.10 -6.27
N VAL A 245 0.88 27.35 -5.04
CA VAL A 245 1.67 27.06 -3.84
C VAL A 245 2.20 25.63 -3.92
N ASP A 246 3.48 25.50 -3.61
CA ASP A 246 4.08 24.19 -3.51
C ASP A 246 4.49 23.85 -2.10
N ILE A 247 5.17 24.78 -1.42
CA ILE A 247 5.70 24.51 -0.09
C ILE A 247 5.91 25.83 0.64
N VAL A 248 5.73 25.81 1.96
CA VAL A 248 6.14 26.85 2.89
C VAL A 248 7.08 26.18 3.90
N VAL A 249 8.26 26.77 4.13
CA VAL A 249 9.19 26.23 5.13
C VAL A 249 9.57 27.26 6.18
N PRO A 250 9.71 26.85 7.45
CA PRO A 250 10.34 27.72 8.46
C PRO A 250 11.86 27.75 8.25
N LEU A 251 12.45 28.94 8.44
CA LEU A 251 13.87 29.13 8.19
C LEU A 251 14.74 29.22 9.45
N ASP A 252 14.17 29.49 10.62
CA ASP A 252 14.97 29.68 11.81
C ASP A 252 15.35 28.33 12.43
N ASP A 253 16.19 28.40 13.47
CA ASP A 253 16.73 27.18 14.09
C ASP A 253 15.63 26.31 14.68
N ASP A 254 14.56 26.92 15.22
CA ASP A 254 13.44 26.13 15.75
C ASP A 254 12.35 26.11 14.69
N PRO A 255 12.14 24.98 14.01
CA PRO A 255 11.13 24.97 12.93
C PRO A 255 9.71 25.17 13.42
N TYR A 256 9.46 24.97 14.71
CA TYR A 256 8.13 25.07 15.30
C TYR A 256 7.86 26.43 15.97
N ASN A 257 8.84 27.32 16.00
CA ASN A 257 8.67 28.66 16.57
C ASN A 257 9.54 29.64 15.79
N SER A 258 9.40 29.62 14.48
CA SER A 258 10.26 30.39 13.60
C SER A 258 9.59 31.76 13.35
N GLU A 259 10.43 32.76 13.12
CA GLU A 259 9.97 34.10 12.76
C GLU A 259 10.11 34.40 11.28
N HIS A 260 10.72 33.50 10.52
CA HIS A 260 10.92 33.68 9.08
C HIS A 260 10.51 32.42 8.33
N PHE A 261 9.81 32.63 7.23
CA PHE A 261 9.25 31.54 6.43
C PHE A 261 9.48 31.88 4.97
N LEU A 262 9.70 30.83 4.17
CA LEU A 262 9.87 30.91 2.73
C LEU A 262 8.69 30.24 2.03
N PHE A 263 8.12 30.94 1.06
CA PHE A 263 7.09 30.42 0.15
C PHE A 263 7.75 30.10 -1.20
N ILE A 264 7.48 28.89 -1.73
CA ILE A 264 7.81 28.55 -3.10
C ILE A 264 6.53 28.08 -3.80
N GLY A 265 6.25 28.68 -4.97
CA GLY A 265 5.16 28.25 -5.82
C GLY A 265 5.67 27.97 -7.22
N ASP A 266 4.93 27.10 -7.93
CA ASP A 266 5.28 26.74 -9.30
C ASP A 266 4.51 27.59 -10.31
N ARG A 267 5.20 28.05 -11.35
CA ARG A 267 4.60 28.65 -12.56
C ARG A 267 4.66 27.62 -13.69
N TRP A 268 3.65 26.75 -13.71
CA TRP A 268 3.66 25.62 -14.63
C TRP A 268 3.50 26.08 -16.06
N GLN A 269 4.39 25.62 -16.93
N GLN A 269 4.37 25.60 -16.94
CA GLN A 269 4.35 25.92 -18.37
CA GLN A 269 4.33 25.92 -18.36
C GLN A 269 3.92 24.63 -19.09
C GLN A 269 3.93 24.65 -19.11
N GLU A 270 2.64 24.59 -19.48
CA GLU A 270 2.06 23.37 -20.01
C GLU A 270 2.84 22.79 -21.19
N HIS A 271 3.36 23.64 -22.06
CA HIS A 271 4.05 23.19 -23.27
C HIS A 271 5.57 23.21 -23.15
N ASP A 272 6.10 23.48 -21.96
CA ASP A 272 7.54 23.51 -21.74
C ASP A 272 7.78 23.25 -20.26
N LEU A 273 7.35 22.08 -19.78
CA LEU A 273 7.26 21.83 -18.35
C LEU A 273 8.63 21.91 -17.65
N GLY A 274 9.69 21.43 -18.31
CA GLY A 274 11.01 21.44 -17.68
C GLY A 274 11.50 22.84 -17.34
N ASN A 275 11.02 23.86 -18.07
CA ASN A 275 11.42 25.25 -17.86
C ASN A 275 10.37 26.08 -17.11
N SER A 276 9.45 25.41 -16.39
CA SER A 276 8.50 26.11 -15.54
C SER A 276 9.25 26.88 -14.47
N PRO A 277 9.05 28.19 -14.36
CA PRO A 277 9.70 28.96 -13.28
C PRO A 277 9.12 28.63 -11.91
N ILE A 278 9.74 29.22 -10.89
CA ILE A 278 9.20 29.23 -9.53
C ILE A 278 9.01 30.68 -9.08
N VAL A 279 8.12 30.85 -8.11
CA VAL A 279 7.98 32.09 -7.38
C VAL A 279 8.49 31.83 -5.97
N GLN A 280 9.56 32.53 -5.57
CA GLN A 280 10.22 32.32 -4.29
C GLN A 280 10.17 33.65 -3.53
N MET A 281 9.55 33.63 -2.35
CA MET A 281 9.25 34.87 -1.64
C MET A 281 9.24 34.60 -0.16
N PRO A 282 9.56 35.60 0.68
CA PRO A 282 9.26 35.47 2.10
C PRO A 282 7.75 35.54 2.31
N ILE A 283 7.26 34.78 3.29
CA ILE A 283 5.85 34.82 3.66
C ILE A 283 5.77 35.12 5.15
N SER A 284 4.91 36.07 5.51
CA SER A 284 4.77 36.49 6.89
C SER A 284 3.70 35.64 7.59
N ILE A 285 4.04 35.09 8.76
CA ILE A 285 3.17 34.18 9.50
C ILE A 285 3.24 34.53 10.98
N ALA A 286 2.12 34.97 11.55
CA ALA A 286 2.06 35.37 12.95
C ALA A 286 0.60 35.46 13.38
N ASP A 287 0.30 34.87 14.56
CA ASP A 287 -1.00 35.03 15.24
C ASP A 287 -2.18 34.61 14.36
N GLY A 288 -2.03 33.49 13.64
CA GLY A 288 -3.11 32.98 12.84
C GLY A 288 -3.27 33.65 11.50
N VAL A 289 -2.39 34.58 11.16
CA VAL A 289 -2.48 35.31 9.91
C VAL A 289 -1.25 34.97 9.06
N ALA A 290 -1.50 34.60 7.81
CA ALA A 290 -0.44 34.37 6.84
C ALA A 290 -0.60 35.38 5.71
N SER A 291 0.51 35.98 5.26
CA SER A 291 0.42 37.09 4.31
C SER A 291 1.58 37.09 3.33
N LEU A 292 1.27 37.16 2.05
CA LEU A 292 2.29 37.10 1.00
C LEU A 292 2.19 38.39 0.20
N THR A 293 3.30 39.15 0.12
CA THR A 293 3.32 40.47 -0.52
C THR A 293 4.51 40.64 -1.46
N TRP A 294 4.23 41.11 -2.67
CA TRP A 294 5.31 41.39 -3.61
C TRP A 294 6.04 42.68 -3.20
N SER A 295 7.29 42.80 -3.64
CA SER A 295 8.09 44.01 -3.50
C SER A 295 8.69 44.37 -4.84
N ASP A 296 8.80 45.68 -5.09
CA ASP A 296 9.38 46.21 -6.33
C ASP A 296 10.77 45.69 -6.62
N THR A 297 11.53 45.38 -5.57
CA THR A 297 12.90 44.90 -5.72
C THR A 297 12.99 43.46 -6.20
N TYR A 298 11.91 42.70 -6.15
CA TYR A 298 11.94 41.31 -6.59
C TYR A 298 12.16 41.21 -8.11
N GLU A 299 12.73 40.08 -8.53
CA GLU A 299 12.94 39.86 -9.96
C GLU A 299 11.73 39.20 -10.62
N GLY A 300 11.68 39.27 -11.93
CA GLY A 300 10.53 38.74 -12.66
C GLY A 300 9.31 39.64 -12.46
N THR A 301 8.15 39.13 -12.89
CA THR A 301 6.91 39.91 -12.89
C THR A 301 5.82 39.18 -12.10
N THR A 302 4.89 39.98 -11.57
CA THR A 302 3.79 39.44 -10.75
C THR A 302 2.84 38.56 -11.56
N HIS A 303 2.85 38.69 -12.87
CA HIS A 303 2.13 37.78 -13.73
C HIS A 303 3.07 37.42 -14.87
N ARG A 304 3.04 36.16 -15.28
CA ARG A 304 3.95 35.69 -16.32
C ARG A 304 3.56 36.30 -17.65
N ASP B 3 -12.15 -38.09 12.82
CA ASP B 3 -11.89 -37.14 11.75
C ASP B 3 -12.96 -37.15 10.67
N ARG B 4 -12.94 -36.11 9.82
CA ARG B 4 -13.88 -35.99 8.69
C ARG B 4 -13.10 -35.75 7.41
N PHE B 5 -13.00 -36.77 6.55
CA PHE B 5 -12.21 -36.68 5.33
C PHE B 5 -13.07 -36.96 4.11
N GLY B 6 -12.74 -36.27 3.01
CA GLY B 6 -13.41 -36.41 1.74
C GLY B 6 -13.86 -35.05 1.24
N ALA B 7 -14.91 -35.08 0.43
CA ALA B 7 -15.48 -33.89 -0.21
C ALA B 7 -16.89 -33.68 0.36
N PHE B 8 -17.17 -32.45 0.83
CA PHE B 8 -18.45 -32.18 1.48
C PHE B 8 -18.65 -30.67 1.60
N LEU B 9 -19.90 -30.25 1.79
CA LEU B 9 -20.21 -28.85 2.06
C LEU B 9 -20.29 -28.71 3.58
N PRO B 10 -19.38 -28.01 4.23
CA PRO B 10 -19.43 -27.96 5.70
C PRO B 10 -20.57 -27.08 6.19
N HIS B 11 -21.06 -27.41 7.40
CA HIS B 11 -22.08 -26.66 8.11
C HIS B 11 -21.58 -26.34 9.50
N ASP B 12 -22.02 -25.19 10.03
CA ASP B 12 -21.61 -24.82 11.37
C ASP B 12 -22.55 -25.46 12.39
N THR B 13 -22.29 -25.19 13.68
CA THR B 13 -23.02 -25.86 14.74
C THR B 13 -24.48 -25.44 14.78
N SER B 14 -24.87 -24.37 14.10
N SER B 14 -24.87 -24.36 14.09
CA SER B 14 -26.28 -24.03 14.00
CA SER B 14 -26.27 -24.01 13.99
C SER B 14 -26.99 -24.76 12.86
C SER B 14 -26.98 -24.79 12.89
N GLY B 15 -26.24 -25.45 12.01
CA GLY B 15 -26.79 -26.08 10.84
C GLY B 15 -26.71 -25.23 9.58
N ASP B 16 -26.25 -23.98 9.68
CA ASP B 16 -26.10 -23.17 8.49
C ASP B 16 -24.87 -23.64 7.72
N VAL B 17 -24.93 -23.50 6.39
CA VAL B 17 -23.73 -23.69 5.57
C VAL B 17 -22.62 -22.81 6.12
N ALA B 18 -21.44 -23.40 6.33
CA ALA B 18 -20.24 -22.69 6.74
C ALA B 18 -19.52 -22.16 5.50
N GLN B 19 -19.31 -20.84 5.45
CA GLN B 19 -18.68 -20.16 4.30
C GLN B 19 -17.16 -20.32 4.36
N LEU B 20 -16.75 -21.58 4.31
CA LEU B 20 -15.34 -21.97 4.39
C LEU B 20 -14.72 -22.04 2.98
N HIS B 21 -14.70 -20.88 2.32
CA HIS B 21 -14.25 -20.74 0.93
C HIS B 21 -12.99 -19.89 0.88
N GLY B 22 -11.96 -20.36 0.17
CA GLY B 22 -10.70 -19.61 0.11
C GLY B 22 -10.08 -19.27 1.45
N ILE B 23 -10.14 -20.20 2.44
CA ILE B 23 -9.90 -19.83 3.84
C ILE B 23 -8.42 -19.62 4.15
N GLY B 24 -8.18 -18.75 5.14
CA GLY B 24 -6.98 -18.81 5.94
C GLY B 24 -7.27 -19.51 7.28
N LEU B 25 -6.22 -20.08 7.87
CA LEU B 25 -6.30 -20.76 9.16
C LEU B 25 -5.11 -20.34 10.02
N GLN B 26 -5.38 -20.08 11.30
CA GLN B 26 -4.35 -19.79 12.30
C GLN B 26 -4.79 -20.43 13.62
N LYS B 27 -3.85 -20.96 14.37
CA LYS B 27 -4.13 -21.51 15.70
C LYS B 27 -3.78 -20.45 16.76
N PHE B 28 -4.79 -19.98 17.50
CA PHE B 28 -4.61 -19.04 18.59
C PHE B 28 -5.09 -19.71 19.87
N GLY B 29 -4.30 -19.59 20.96
CA GLY B 29 -4.60 -20.39 22.15
C GLY B 29 -4.44 -21.85 21.74
N ASP B 30 -5.44 -22.68 22.00
CA ASP B 30 -5.44 -24.04 21.47
C ASP B 30 -6.55 -24.26 20.44
N THR B 31 -6.95 -23.21 19.70
CA THR B 31 -8.13 -23.27 18.83
C THR B 31 -7.73 -22.81 17.42
N TRP B 32 -8.24 -23.51 16.41
CA TRP B 32 -8.04 -23.07 15.02
C TRP B 32 -9.12 -22.06 14.64
N TYR B 33 -8.67 -20.93 14.07
CA TYR B 33 -9.54 -19.87 13.56
C TYR B 33 -9.46 -19.88 12.04
N ALA B 34 -10.62 -20.02 11.39
CA ALA B 34 -10.74 -19.98 9.94
C ALA B 34 -11.39 -18.66 9.52
N TYR B 35 -10.89 -18.08 8.43
CA TYR B 35 -11.42 -16.85 7.84
C TYR B 35 -11.76 -17.17 6.39
N GLY B 36 -13.05 -17.05 6.03
CA GLY B 36 -13.53 -17.48 4.73
C GLY B 36 -14.33 -16.39 4.03
N GLU B 37 -14.44 -16.57 2.72
CA GLU B 37 -15.24 -15.66 1.88
C GLU B 37 -16.72 -15.96 2.09
N ASN B 38 -17.49 -14.96 2.49
CA ASN B 38 -18.95 -15.11 2.50
C ASN B 38 -19.44 -14.98 1.07
N LYS B 39 -19.98 -16.08 0.50
CA LYS B 39 -20.38 -16.10 -0.90
C LYS B 39 -21.85 -16.51 -1.10
N VAL B 40 -22.68 -16.34 -0.07
CA VAL B 40 -24.07 -16.77 -0.14
C VAL B 40 -24.77 -16.20 -1.37
N ASN B 41 -24.43 -14.97 -1.78
CA ASN B 41 -25.12 -14.31 -2.89
C ASN B 41 -24.19 -14.02 -4.08
N GLY B 42 -23.21 -14.87 -4.30
CA GLY B 42 -22.40 -14.76 -5.51
C GLY B 42 -20.97 -14.34 -5.24
N ASN B 43 -20.35 -13.75 -6.29
CA ASN B 43 -18.91 -13.51 -6.31
C ASN B 43 -18.48 -12.14 -5.78
N LEU B 44 -19.40 -11.22 -5.49
CA LEU B 44 -18.98 -9.90 -5.01
C LEU B 44 -18.75 -9.91 -3.49
N PHE B 45 -18.06 -8.89 -2.99
CA PHE B 45 -17.67 -8.87 -1.58
C PHE B 45 -18.89 -8.76 -0.66
N GLN B 46 -19.01 -9.76 0.25
CA GLN B 46 -20.10 -9.83 1.21
C GLN B 46 -19.59 -9.99 2.65
N GLY B 47 -18.31 -9.71 2.85
CA GLY B 47 -17.66 -9.85 4.14
C GLY B 47 -16.80 -11.11 4.25
N VAL B 48 -16.02 -11.13 5.33
CA VAL B 48 -15.20 -12.28 5.74
C VAL B 48 -15.87 -12.93 6.94
N CYS B 49 -16.16 -14.23 6.84
CA CYS B 49 -16.75 -15.01 7.94
C CYS B 49 -15.64 -15.68 8.75
N CYS B 50 -15.82 -15.72 10.07
CA CYS B 50 -14.88 -16.43 10.94
C CYS B 50 -15.58 -17.62 11.59
N TYR B 51 -14.91 -18.79 11.59
CA TYR B 51 -15.34 -20.00 12.29
C TYR B 51 -14.17 -20.56 13.11
N THR B 52 -14.47 -21.25 14.21
CA THR B 52 -13.44 -21.92 14.98
C THR B 52 -13.71 -23.42 15.05
N THR B 53 -12.63 -24.17 15.27
CA THR B 53 -12.72 -25.61 15.46
C THR B 53 -11.53 -26.06 16.30
N THR B 54 -11.71 -27.17 17.01
CA THR B 54 -10.59 -27.87 17.61
C THR B 54 -10.39 -29.25 17.00
N ASP B 55 -11.27 -29.68 16.08
CA ASP B 55 -11.21 -31.02 15.51
C ASP B 55 -11.38 -31.07 14.00
N PHE B 56 -11.65 -29.93 13.32
CA PHE B 56 -11.96 -29.92 11.89
C PHE B 56 -13.22 -30.72 11.55
N ILE B 57 -14.08 -30.96 12.55
CA ILE B 57 -15.40 -31.55 12.35
C ILE B 57 -16.50 -30.56 12.60
N ALA B 58 -16.57 -29.99 13.83
CA ALA B 58 -17.50 -28.95 14.24
C ALA B 58 -16.89 -27.59 14.01
N TRP B 59 -17.70 -26.67 13.47
CA TRP B 59 -17.30 -25.29 13.20
C TRP B 59 -18.22 -24.34 13.95
N ARG B 60 -17.68 -23.57 14.88
CA ARG B 60 -18.46 -22.59 15.63
C ARG B 60 -18.38 -21.24 14.92
N SER B 61 -19.53 -20.71 14.51
CA SER B 61 -19.54 -19.46 13.75
C SER B 61 -19.28 -18.28 14.68
N HIS B 62 -18.44 -17.35 14.23
CA HIS B 62 -18.24 -16.08 14.92
C HIS B 62 -18.74 -14.89 14.09
N GLY B 63 -19.54 -15.14 13.05
CA GLY B 63 -20.13 -14.09 12.27
C GLY B 63 -19.15 -13.46 11.30
N ILE B 64 -19.60 -12.34 10.73
CA ILE B 64 -18.79 -11.55 9.81
C ILE B 64 -17.84 -10.65 10.60
N VAL B 65 -16.53 -10.84 10.40
CA VAL B 65 -15.51 -10.13 11.16
C VAL B 65 -14.84 -9.00 10.38
N LEU B 66 -14.98 -8.96 9.05
CA LEU B 66 -14.65 -7.80 8.22
C LEU B 66 -15.87 -7.54 7.35
N ASP B 67 -16.54 -6.42 7.59
CA ASP B 67 -17.80 -6.10 6.91
C ASP B 67 -17.54 -5.57 5.50
N VAL B 68 -18.60 -5.65 4.66
CA VAL B 68 -18.67 -4.80 3.48
C VAL B 68 -18.52 -3.35 3.92
N GLN B 69 -17.72 -2.59 3.17
CA GLN B 69 -17.41 -1.20 3.49
C GLN B 69 -18.27 -0.27 2.62
N GLU B 70 -18.10 1.05 2.79
CA GLU B 70 -18.98 1.99 2.12
C GLU B 70 -18.65 2.15 0.63
N ASP B 71 -19.65 2.58 -0.14
CA ASP B 71 -19.47 2.84 -1.56
C ASP B 71 -18.32 3.81 -1.77
N GLY B 72 -17.52 3.53 -2.79
CA GLY B 72 -16.33 4.31 -3.06
C GLY B 72 -15.05 3.76 -2.44
N SER B 73 -15.13 2.77 -1.55
CA SER B 73 -13.94 2.14 -1.02
C SER B 73 -13.65 0.83 -1.78
N ALA B 74 -12.45 0.30 -1.56
CA ALA B 74 -12.02 -0.91 -2.28
C ALA B 74 -12.71 -2.19 -1.78
N LEU B 75 -13.50 -2.12 -0.69
CA LEU B 75 -14.28 -3.27 -0.21
C LEU B 75 -15.79 -2.97 -0.15
N ALA B 76 -16.25 -2.07 -1.03
CA ALA B 76 -17.67 -1.81 -1.23
C ALA B 76 -18.39 -3.02 -1.84
N ALA B 77 -19.73 -2.96 -1.84
CA ALA B 77 -20.55 -4.08 -2.30
C ALA B 77 -20.35 -4.40 -3.77
N ASP B 78 -19.83 -3.46 -4.55
CA ASP B 78 -19.62 -3.70 -5.98
C ASP B 78 -18.22 -4.25 -6.26
N ARG B 79 -17.39 -4.38 -5.21
CA ARG B 79 -16.01 -4.84 -5.35
C ARG B 79 -15.94 -6.35 -5.04
N ILE B 80 -14.72 -6.90 -5.13
CA ILE B 80 -14.44 -8.30 -4.85
C ILE B 80 -13.35 -8.37 -3.78
N GLY B 81 -13.50 -9.30 -2.83
CA GLY B 81 -12.52 -9.50 -1.79
C GLY B 81 -12.34 -10.99 -1.54
N GLU B 82 -11.19 -11.53 -1.93
CA GLU B 82 -10.99 -12.97 -1.99
C GLU B 82 -9.86 -13.42 -1.09
N ARG B 83 -9.96 -14.68 -0.66
CA ARG B 83 -8.88 -15.39 0.01
C ARG B 83 -8.32 -14.66 1.24
N PRO B 84 -9.18 -14.30 2.21
CA PRO B 84 -8.72 -13.61 3.41
C PRO B 84 -7.75 -14.47 4.21
N LYS B 85 -6.75 -13.81 4.78
CA LYS B 85 -5.71 -14.44 5.57
C LYS B 85 -5.47 -13.56 6.80
N VAL B 86 -5.11 -14.18 7.92
CA VAL B 86 -4.83 -13.46 9.16
C VAL B 86 -3.49 -13.92 9.74
N LEU B 87 -2.72 -12.96 10.27
CA LEU B 87 -1.52 -13.25 11.06
C LEU B 87 -1.59 -12.42 12.34
N HIS B 88 -1.02 -12.98 13.41
CA HIS B 88 -0.87 -12.28 14.68
C HIS B 88 0.53 -11.68 14.69
N CYS B 89 0.60 -10.35 14.87
CA CYS B 89 1.86 -9.64 14.71
C CYS B 89 2.69 -9.73 15.99
N PRO B 90 3.89 -10.33 15.96
CA PRO B 90 4.71 -10.41 17.20
C PRO B 90 5.07 -9.05 17.77
N ALA B 91 5.34 -8.05 16.91
CA ALA B 91 5.83 -6.76 17.40
C ALA B 91 4.73 -5.93 18.06
N THR B 92 3.47 -6.09 17.65
CA THR B 92 2.37 -5.26 18.12
C THR B 92 1.28 -6.01 18.90
N GLY B 93 1.16 -7.33 18.76
CA GLY B 93 0.03 -8.05 19.31
C GLY B 93 -1.27 -7.92 18.51
N LYS B 94 -1.28 -7.16 17.43
CA LYS B 94 -2.48 -7.00 16.63
C LYS B 94 -2.68 -8.22 15.73
N TYR B 95 -3.93 -8.43 15.33
CA TYR B 95 -4.29 -9.41 14.33
C TYR B 95 -4.47 -8.61 13.03
N VAL B 96 -3.66 -8.95 12.01
CA VAL B 96 -3.72 -8.24 10.74
C VAL B 96 -4.34 -9.18 9.70
N MET B 97 -5.35 -8.68 8.99
CA MET B 97 -5.99 -9.43 7.92
C MET B 97 -5.54 -8.91 6.56
N TYR B 98 -5.25 -9.83 5.64
CA TYR B 98 -4.91 -9.52 4.26
C TYR B 98 -6.00 -10.09 3.38
N ILE B 99 -6.32 -9.39 2.30
CA ILE B 99 -7.35 -9.88 1.39
C ILE B 99 -6.94 -9.48 -0.03
N HIS B 100 -7.31 -10.31 -1.01
CA HIS B 100 -7.16 -9.93 -2.40
C HIS B 100 -8.30 -8.97 -2.75
N ALA B 101 -7.98 -7.67 -2.82
CA ALA B 101 -8.94 -6.61 -3.17
C ALA B 101 -8.99 -6.45 -4.68
N GLU B 102 -10.21 -6.46 -5.24
CA GLU B 102 -10.33 -6.69 -6.66
C GLU B 102 -11.56 -5.97 -7.21
N THR B 103 -11.61 -5.87 -8.55
CA THR B 103 -12.74 -5.42 -9.34
C THR B 103 -13.25 -6.58 -10.24
N PRO B 104 -14.49 -6.48 -10.77
CA PRO B 104 -15.02 -7.62 -11.55
C PRO B 104 -14.17 -8.04 -12.74
N ASP B 105 -13.42 -7.12 -13.36
CA ASP B 105 -12.54 -7.49 -14.48
C ASP B 105 -11.20 -8.10 -14.01
N TYR B 106 -10.99 -8.16 -12.71
CA TYR B 106 -9.75 -8.68 -12.12
C TYR B 106 -8.49 -7.86 -12.43
N GLY B 107 -8.68 -6.62 -12.86
CA GLY B 107 -7.57 -5.74 -13.18
C GLY B 107 -7.04 -4.85 -12.05
N TYR B 108 -7.68 -4.80 -10.88
CA TYR B 108 -7.19 -3.97 -9.79
C TYR B 108 -6.06 -4.67 -9.05
N ALA B 109 -6.30 -5.91 -8.62
CA ALA B 109 -5.23 -6.82 -8.19
C ALA B 109 -4.33 -6.19 -7.11
N HIS B 110 -4.97 -5.85 -5.98
CA HIS B 110 -4.28 -5.31 -4.82
C HIS B 110 -4.42 -6.28 -3.63
N ILE B 111 -3.63 -5.98 -2.58
CA ILE B 111 -3.79 -6.55 -1.25
C ILE B 111 -4.45 -5.48 -0.38
N GLY B 112 -5.54 -5.85 0.28
CA GLY B 112 -6.16 -4.98 1.27
C GLY B 112 -5.68 -5.38 2.66
N VAL B 113 -5.52 -4.40 3.54
CA VAL B 113 -4.99 -4.60 4.88
C VAL B 113 -6.01 -4.08 5.89
N ALA B 114 -6.38 -4.94 6.88
CA ALA B 114 -7.28 -4.59 7.97
C ALA B 114 -6.68 -5.09 9.28
N VAL B 115 -7.05 -4.44 10.40
N VAL B 115 -7.06 -4.44 10.40
CA VAL B 115 -6.41 -4.65 11.70
CA VAL B 115 -6.44 -4.69 11.69
C VAL B 115 -7.47 -4.81 12.80
C VAL B 115 -7.50 -4.84 12.78
N ALA B 116 -7.24 -5.75 13.73
CA ALA B 116 -8.13 -5.99 14.86
C ALA B 116 -7.33 -6.22 16.13
N ASP B 117 -7.97 -5.99 17.28
CA ASP B 117 -7.37 -6.33 18.55
C ASP B 117 -7.63 -7.76 18.97
N ALA B 118 -8.62 -8.40 18.36
CA ALA B 118 -9.06 -9.74 18.76
C ALA B 118 -9.12 -10.59 17.50
N PRO B 119 -8.92 -11.91 17.63
CA PRO B 119 -8.93 -12.74 16.41
C PRO B 119 -10.31 -12.83 15.78
N THR B 120 -11.36 -12.47 16.51
CA THR B 120 -12.72 -12.44 15.98
C THR B 120 -13.16 -11.03 15.56
N GLY B 121 -12.21 -10.10 15.38
CA GLY B 121 -12.52 -8.76 14.93
C GLY B 121 -13.23 -7.94 16.00
N PRO B 122 -13.96 -6.88 15.61
CA PRO B 122 -14.07 -6.41 14.22
C PRO B 122 -12.74 -5.92 13.65
N PHE B 123 -12.49 -6.27 12.38
CA PHE B 123 -11.32 -5.80 11.64
C PHE B 123 -11.64 -4.45 11.01
N ALA B 124 -10.73 -3.50 11.16
CA ALA B 124 -10.86 -2.15 10.61
C ALA B 124 -10.02 -2.08 9.33
N PHE B 125 -10.68 -1.80 8.21
CA PHE B 125 -10.04 -1.73 6.90
C PHE B 125 -9.18 -0.46 6.79
N GLN B 126 -7.91 -0.65 6.43
CA GLN B 126 -6.94 0.45 6.37
C GLN B 126 -6.46 0.78 4.96
N THR B 127 -5.65 -0.07 4.33
CA THR B 127 -5.02 0.32 3.08
C THR B 127 -5.29 -0.71 1.99
N THR B 128 -5.02 -0.30 0.75
CA THR B 128 -4.72 -1.26 -0.32
C THR B 128 -3.30 -0.98 -0.75
N ILE B 129 -2.56 -2.06 -1.05
CA ILE B 129 -1.14 -1.98 -1.38
C ILE B 129 -0.80 -2.89 -2.56
N THR B 130 0.30 -2.53 -3.23
CA THR B 130 0.96 -3.41 -4.18
C THR B 130 2.45 -3.29 -3.92
N TRP B 131 3.19 -4.27 -4.43
CA TRP B 131 4.63 -4.13 -4.54
C TRP B 131 4.93 -3.55 -5.91
N ARG B 132 5.46 -2.32 -5.94
CA ARG B 132 5.98 -1.69 -7.17
C ARG B 132 4.91 -1.45 -8.23
N GLY B 133 3.63 -1.53 -7.87
CA GLY B 133 2.55 -1.48 -8.85
C GLY B 133 2.22 -2.84 -9.47
N TYR B 134 2.90 -3.91 -9.07
CA TYR B 134 2.67 -5.20 -9.72
C TYR B 134 1.30 -5.77 -9.36
N LEU B 135 0.79 -6.61 -10.26
CA LEU B 135 -0.44 -7.35 -9.98
C LEU B 135 -0.28 -8.25 -8.75
N SER B 136 -1.29 -8.22 -7.86
CA SER B 136 -1.42 -9.20 -6.78
C SER B 136 -2.82 -9.78 -6.84
N ARG B 137 -2.93 -11.09 -7.07
CA ARG B 137 -4.25 -11.74 -7.08
C ARG B 137 -4.33 -12.76 -5.93
N ASP B 138 -4.31 -14.08 -6.20
CA ASP B 138 -4.43 -15.04 -5.09
C ASP B 138 -3.29 -14.82 -4.09
N ILE B 139 -3.64 -14.88 -2.78
CA ILE B 139 -2.67 -14.71 -1.69
C ILE B 139 -2.77 -15.85 -0.67
N GLY B 140 -1.66 -16.06 0.03
CA GLY B 140 -1.63 -16.85 1.23
C GLY B 140 -0.62 -16.24 2.19
N VAL B 141 -0.53 -16.76 3.42
CA VAL B 141 0.43 -16.25 4.40
C VAL B 141 1.26 -17.38 5.01
N PHE B 142 2.43 -17.00 5.54
CA PHE B 142 3.27 -17.90 6.31
C PHE B 142 4.00 -17.10 7.39
N GLN B 143 4.06 -17.64 8.61
CA GLN B 143 4.79 -17.01 9.70
C GLN B 143 5.90 -17.98 10.13
N ASP B 144 7.15 -17.52 10.04
CA ASP B 144 8.29 -18.39 10.26
C ASP B 144 8.62 -18.50 11.76
N GLU B 145 9.51 -19.43 12.09
CA GLU B 145 9.73 -19.65 13.51
C GLU B 145 10.43 -18.47 14.19
N ASP B 146 11.12 -17.62 13.43
CA ASP B 146 11.77 -16.44 13.97
C ASP B 146 10.81 -15.25 14.13
N GLY B 147 9.52 -15.43 13.79
CA GLY B 147 8.55 -14.34 13.88
C GLY B 147 8.38 -13.55 12.59
N SER B 148 9.17 -13.80 11.57
CA SER B 148 8.98 -13.10 10.30
C SER B 148 7.67 -13.53 9.68
N GLY B 149 6.94 -12.56 9.13
CA GLY B 149 5.68 -12.81 8.44
C GLY B 149 5.83 -12.59 6.94
N TYR B 150 5.08 -13.38 6.17
CA TYR B 150 5.18 -13.35 4.71
C TYR B 150 3.81 -13.46 4.08
N ILE B 151 3.64 -12.77 2.96
N ILE B 151 3.64 -12.82 2.93
CA ILE B 151 2.49 -12.92 2.06
CA ILE B 151 2.43 -13.00 2.12
C ILE B 151 3.00 -13.57 0.77
C ILE B 151 2.84 -13.46 0.73
N MET B 152 2.31 -14.61 0.30
CA MET B 152 2.53 -15.14 -1.04
C MET B 152 1.48 -14.52 -1.97
N SER B 153 1.90 -14.17 -3.19
CA SER B 153 1.06 -13.34 -4.06
C SER B 153 1.29 -13.70 -5.52
N GLU B 154 0.25 -14.17 -6.21
CA GLU B 154 0.39 -14.54 -7.63
C GLU B 154 0.32 -13.28 -8.48
N ASP B 155 1.33 -13.11 -9.34
CA ASP B 155 1.54 -11.93 -10.18
C ASP B 155 1.69 -12.44 -11.62
N ARG B 156 0.65 -12.24 -12.44
CA ARG B 156 0.62 -12.87 -13.76
C ARG B 156 1.79 -12.45 -14.64
N ASP B 157 2.36 -11.26 -14.42
CA ASP B 157 3.45 -10.78 -15.27
C ASP B 157 4.82 -11.33 -14.88
N HIS B 158 4.97 -11.86 -13.66
CA HIS B 158 6.32 -12.20 -13.17
C HIS B 158 6.45 -13.60 -12.59
N GLY B 159 5.47 -14.09 -11.85
CA GLY B 159 5.55 -15.32 -11.09
C GLY B 159 4.80 -15.12 -9.78
N THR B 160 4.94 -16.07 -8.86
CA THR B 160 4.32 -15.95 -7.54
C THR B 160 5.38 -15.53 -6.55
N HIS B 161 5.12 -14.40 -5.89
CA HIS B 161 6.07 -13.81 -4.96
C HIS B 161 5.90 -14.38 -3.56
N ILE B 162 7.00 -14.40 -2.84
CA ILE B 162 7.02 -14.40 -1.37
C ILE B 162 7.47 -13.01 -0.96
N TYR B 163 6.58 -12.27 -0.29
CA TYR B 163 6.87 -10.92 0.19
C TYR B 163 7.05 -10.96 1.70
N ARG B 164 8.14 -10.35 2.18
CA ARG B 164 8.35 -10.23 3.62
C ARG B 164 7.65 -8.98 4.17
N LEU B 165 6.95 -9.13 5.29
CA LEU B 165 6.22 -8.01 5.89
C LEU B 165 7.15 -7.18 6.76
N ALA B 166 6.81 -5.88 6.87
CA ALA B 166 7.40 -5.02 7.90
C ALA B 166 7.11 -5.61 9.29
N ASP B 167 7.88 -5.17 10.30
CA ASP B 167 7.73 -5.73 11.65
C ASP B 167 6.34 -5.51 12.22
N ASP B 168 5.64 -4.43 11.83
CA ASP B 168 4.26 -4.21 12.27
C ASP B 168 3.22 -4.95 11.42
N TYR B 169 3.65 -5.72 10.42
CA TYR B 169 2.83 -6.57 9.57
C TYR B 169 1.87 -5.78 8.67
N LEU B 170 2.06 -4.46 8.54
CA LEU B 170 1.09 -3.62 7.82
C LEU B 170 1.46 -3.37 6.35
N THR B 171 2.71 -3.66 5.96
CA THR B 171 3.12 -3.46 4.57
C THR B 171 4.27 -4.42 4.24
N ILE B 172 4.73 -4.35 2.99
CA ILE B 172 5.75 -5.26 2.44
CA ILE B 172 5.75 -5.27 2.52
C ILE B 172 7.07 -4.52 2.35
N VAL B 173 8.17 -5.18 2.74
CA VAL B 173 9.49 -4.57 2.71
C VAL B 173 10.50 -5.31 1.84
N GLU B 174 10.17 -6.48 1.30
CA GLU B 174 11.13 -7.27 0.52
C GLU B 174 10.44 -8.23 -0.43
N ASP B 175 10.92 -8.29 -1.66
CA ASP B 175 10.50 -9.29 -2.65
C ASP B 175 11.47 -10.47 -2.46
N VAL B 176 11.06 -11.42 -1.60
CA VAL B 176 11.98 -12.48 -1.15
C VAL B 176 12.27 -13.45 -2.29
N ALA B 177 11.23 -13.83 -3.04
CA ALA B 177 11.35 -14.75 -4.17
C ALA B 177 10.21 -14.44 -5.11
N CYS B 178 10.41 -14.75 -6.39
CA CYS B 178 9.32 -14.67 -7.36
C CYS B 178 9.53 -15.83 -8.33
N GLU B 179 8.68 -16.85 -8.21
CA GLU B 179 8.94 -18.13 -8.88
C GLU B 179 7.88 -18.44 -9.92
N ARG B 180 8.35 -18.91 -11.07
CA ARG B 180 7.46 -19.57 -12.01
C ARG B 180 7.60 -21.08 -11.83
N ALA B 181 6.48 -21.81 -12.01
CA ALA B 181 6.52 -23.27 -11.95
C ALA B 181 7.38 -23.85 -13.09
N THR B 182 7.91 -25.05 -12.85
CA THR B 182 8.80 -25.70 -13.82
C THR B 182 8.15 -25.77 -15.20
N ASP B 183 8.87 -25.32 -16.22
CA ASP B 183 8.41 -25.35 -17.62
C ASP B 183 7.05 -24.66 -17.82
N TYR B 184 6.82 -23.57 -17.09
CA TYR B 184 5.55 -22.86 -17.10
C TYR B 184 5.82 -21.37 -17.15
N PRO B 185 5.02 -20.60 -17.88
CA PRO B 185 5.27 -19.16 -18.01
C PRO B 185 4.83 -18.33 -16.81
N TYR B 186 4.27 -18.95 -15.78
CA TYR B 186 3.65 -18.24 -14.66
C TYR B 186 4.00 -18.90 -13.35
N GLY B 187 3.74 -18.17 -12.23
CA GLY B 187 3.67 -18.85 -10.95
C GLY B 187 2.36 -19.60 -10.80
N LEU B 188 2.27 -20.41 -9.74
CA LEU B 188 1.04 -21.11 -9.42
C LEU B 188 0.20 -20.23 -8.50
N GLU B 189 -1.11 -20.33 -8.66
CA GLU B 189 -2.00 -19.53 -7.81
C GLU B 189 -2.37 -20.32 -6.55
N SER B 190 -3.36 -19.83 -5.80
CA SER B 190 -3.78 -20.35 -4.50
C SER B 190 -2.63 -20.88 -3.62
N PRO B 191 -1.63 -20.04 -3.34
CA PRO B 191 -0.42 -20.52 -2.65
C PRO B 191 -0.64 -20.80 -1.17
N THR B 192 0.12 -21.76 -0.66
CA THR B 192 0.19 -22.07 0.77
C THR B 192 1.59 -22.64 1.03
N ILE B 193 2.16 -22.28 2.17
CA ILE B 193 3.50 -22.74 2.56
C ILE B 193 3.47 -23.28 3.99
N ILE B 194 4.20 -24.38 4.22
CA ILE B 194 4.45 -24.93 5.54
C ILE B 194 5.95 -25.20 5.66
N LYS B 195 6.42 -25.46 6.89
CA LYS B 195 7.81 -25.79 7.16
C LYS B 195 7.88 -27.05 8.03
N LYS B 196 8.77 -27.97 7.68
CA LYS B 196 8.97 -29.17 8.50
C LYS B 196 10.45 -29.48 8.53
N ASP B 197 11.01 -29.58 9.74
CA ASP B 197 12.40 -29.98 9.95
C ASP B 197 13.37 -29.15 9.08
N GLY B 198 13.15 -27.84 9.09
CA GLY B 198 14.02 -26.92 8.41
C GLY B 198 13.77 -26.75 6.93
N LEU B 199 12.82 -27.49 6.35
CA LEU B 199 12.56 -27.45 4.91
C LEU B 199 11.21 -26.79 4.69
N TYR B 200 11.16 -25.83 3.77
CA TYR B 200 9.90 -25.18 3.40
C TYR B 200 9.25 -25.93 2.25
N TYR B 201 7.93 -26.06 2.30
CA TYR B 201 7.13 -26.69 1.24
C TYR B 201 6.10 -25.68 0.74
N TRP B 202 6.07 -25.45 -0.57
CA TRP B 202 5.20 -24.47 -1.21
C TRP B 202 4.29 -25.18 -2.21
N PHE B 203 2.97 -25.08 -2.00
CA PHE B 203 1.94 -25.68 -2.85
C PHE B 203 1.20 -24.61 -3.64
N GLY B 204 0.71 -24.97 -4.82
CA GLY B 204 -0.12 -24.04 -5.59
C GLY B 204 -0.83 -24.76 -6.72
N SER B 205 -1.72 -24.03 -7.41
CA SER B 205 -2.50 -24.58 -8.51
C SER B 205 -2.11 -23.98 -9.85
N GLN B 206 -2.22 -24.77 -10.93
CA GLN B 206 -2.01 -24.19 -12.25
C GLN B 206 -3.12 -23.18 -12.56
N LEU B 207 -2.89 -22.39 -13.61
CA LEU B 207 -3.81 -21.31 -13.96
C LEU B 207 -4.79 -21.83 -15.00
N THR B 208 -5.89 -22.44 -14.51
CA THR B 208 -6.90 -23.00 -15.41
C THR B 208 -8.29 -22.47 -15.06
N SER B 209 -8.34 -21.26 -14.50
CA SER B 209 -9.60 -20.60 -14.15
C SER B 209 -10.46 -21.55 -13.31
N TRP B 210 -11.74 -21.74 -13.63
CA TRP B 210 -12.60 -22.59 -12.81
C TRP B 210 -12.24 -24.06 -12.91
N ASP B 211 -11.62 -24.50 -14.01
CA ASP B 211 -11.29 -25.92 -14.12
C ASP B 211 -10.27 -26.33 -13.07
N THR B 212 -10.45 -27.52 -12.53
CA THR B 212 -9.47 -28.04 -11.58
C THR B 212 -8.31 -28.61 -12.39
N ASN B 213 -7.12 -28.66 -11.78
CA ASN B 213 -5.93 -29.16 -12.45
C ASN B 213 -5.03 -29.91 -11.48
N ASP B 214 -3.94 -30.48 -11.99
CA ASP B 214 -2.98 -31.21 -11.16
C ASP B 214 -2.09 -30.18 -10.45
N ASN B 215 -2.38 -29.95 -9.17
CA ASN B 215 -1.63 -28.98 -8.37
C ASN B 215 -0.21 -29.50 -8.09
N LYS B 216 0.70 -28.58 -7.70
CA LYS B 216 2.09 -28.96 -7.56
C LYS B 216 2.72 -28.33 -6.31
N TYR B 217 3.91 -28.84 -5.95
CA TYR B 217 4.67 -28.33 -4.82
C TYR B 217 6.16 -28.25 -5.15
N SER B 218 6.84 -27.37 -4.40
CA SER B 218 8.27 -27.15 -4.47
C SER B 218 8.82 -27.00 -3.05
N THR B 219 10.13 -27.29 -2.90
CA THR B 219 10.78 -27.19 -1.59
C THR B 219 12.05 -26.35 -1.65
N ALA B 220 12.44 -25.82 -0.49
CA ALA B 220 13.65 -25.03 -0.34
C ALA B 220 14.06 -25.04 1.13
N THR B 221 15.36 -24.83 1.36
CA THR B 221 15.86 -24.64 2.72
C THR B 221 15.96 -23.17 3.10
N ASP B 222 15.67 -22.27 2.16
CA ASP B 222 15.63 -20.82 2.39
C ASP B 222 14.50 -20.27 1.54
N LEU B 223 13.72 -19.34 2.10
CA LEU B 223 12.60 -18.78 1.34
C LEU B 223 13.06 -18.05 0.07
N HIS B 224 14.30 -17.55 0.04
CA HIS B 224 14.86 -16.94 -1.15
C HIS B 224 15.17 -17.97 -2.23
N GLY B 225 15.13 -19.25 -1.91
CA GLY B 225 15.49 -20.27 -2.86
C GLY B 225 16.91 -20.75 -2.63
N PRO B 226 17.44 -21.60 -3.55
CA PRO B 226 16.74 -22.10 -4.76
C PRO B 226 15.57 -22.97 -4.41
N TRP B 227 14.49 -22.82 -5.15
CA TRP B 227 13.32 -23.68 -5.04
C TRP B 227 13.46 -24.88 -5.98
N SER B 228 13.09 -26.07 -5.49
CA SER B 228 13.26 -27.29 -6.29
C SER B 228 12.28 -27.29 -7.47
N GLU B 229 12.47 -28.25 -8.37
CA GLU B 229 11.48 -28.55 -9.39
C GLU B 229 10.09 -28.68 -8.77
N TRP B 230 9.07 -28.22 -9.51
CA TRP B 230 7.68 -28.35 -9.05
C TRP B 230 7.12 -29.70 -9.49
N LYS B 231 6.54 -30.45 -8.54
CA LYS B 231 6.09 -31.81 -8.80
C LYS B 231 4.65 -31.98 -8.30
N LEU B 232 3.95 -32.94 -8.90
CA LEU B 232 2.60 -33.27 -8.46
C LEU B 232 2.60 -33.85 -7.04
N PHE B 233 1.60 -33.48 -6.23
CA PHE B 233 1.43 -34.18 -4.97
C PHE B 233 0.24 -35.13 -4.93
N ALA B 234 -0.73 -34.97 -5.80
CA ALA B 234 -1.82 -35.92 -6.01
C ALA B 234 -1.58 -36.68 -7.28
N PRO B 235 -2.29 -37.80 -7.51
CA PRO B 235 -2.01 -38.60 -8.72
C PRO B 235 -2.24 -37.84 -10.00
N GLU B 236 -1.39 -38.15 -11.01
CA GLU B 236 -1.50 -37.48 -12.33
C GLU B 236 -2.90 -37.75 -12.90
N GLY B 237 -3.54 -36.68 -13.36
CA GLY B 237 -4.86 -36.81 -13.93
C GLY B 237 -6.00 -36.76 -12.92
N ALA B 238 -5.71 -36.84 -11.61
CA ALA B 238 -6.75 -36.73 -10.60
C ALA B 238 -7.21 -35.29 -10.38
N LYS B 239 -6.51 -34.32 -10.96
CA LYS B 239 -6.87 -32.90 -10.80
C LYS B 239 -7.01 -32.54 -9.32
N THR B 240 -6.06 -33.05 -8.51
CA THR B 240 -6.02 -32.76 -7.06
C THR B 240 -7.33 -33.18 -6.40
N TYR B 241 -7.84 -34.33 -6.85
CA TYR B 241 -9.14 -34.84 -6.41
C TYR B 241 -10.24 -33.83 -6.71
N ASP B 242 -10.18 -33.30 -7.93
CA ASP B 242 -11.14 -32.32 -8.43
C ASP B 242 -11.31 -31.16 -7.44
N SER B 243 -10.18 -30.56 -7.05
CA SER B 243 -10.20 -29.39 -6.15
C SER B 243 -9.07 -28.46 -6.52
N GLN B 244 -9.05 -27.29 -5.89
CA GLN B 244 -7.96 -26.33 -6.02
C GLN B 244 -7.37 -26.15 -4.62
N VAL B 245 -6.08 -26.49 -4.44
CA VAL B 245 -5.47 -26.37 -3.12
C VAL B 245 -5.77 -24.99 -2.54
N ASP B 246 -6.20 -24.98 -1.28
CA ASP B 246 -6.35 -23.73 -0.58
C ASP B 246 -5.32 -23.54 0.51
N ILE B 247 -5.09 -24.56 1.34
CA ILE B 247 -4.19 -24.42 2.47
C ILE B 247 -3.73 -25.81 2.89
N VAL B 248 -2.50 -25.89 3.39
CA VAL B 248 -1.98 -27.06 4.09
C VAL B 248 -1.59 -26.59 5.49
N VAL B 249 -2.04 -27.30 6.52
CA VAL B 249 -1.69 -26.90 7.90
C VAL B 249 -1.06 -28.03 8.69
N PRO B 250 -0.04 -27.71 9.49
CA PRO B 250 0.46 -28.69 10.45
C PRO B 250 -0.47 -28.80 11.64
N LEU B 251 -0.70 -30.04 12.09
CA LEU B 251 -1.68 -30.30 13.14
C LEU B 251 -1.09 -30.52 14.53
N ASP B 252 0.21 -30.83 14.64
CA ASP B 252 0.82 -31.15 15.93
C ASP B 252 1.19 -29.89 16.71
N ASP B 253 1.65 -30.08 17.95
CA ASP B 253 1.91 -28.94 18.83
C ASP B 253 3.01 -28.02 18.30
N ASP B 254 4.02 -28.57 17.61
CA ASP B 254 5.09 -27.78 17.02
C ASP B 254 4.76 -27.61 15.55
N PRO B 255 4.31 -26.44 15.12
CA PRO B 255 3.89 -26.29 13.72
C PRO B 255 5.04 -26.46 12.75
N TYR B 256 6.31 -26.35 13.22
CA TYR B 256 7.50 -26.44 12.38
C TYR B 256 8.14 -27.82 12.37
N ASN B 257 7.59 -28.75 13.16
CA ASN B 257 8.08 -30.12 13.21
C ASN B 257 6.90 -31.05 13.48
N SER B 258 5.85 -30.91 12.68
N SER B 258 5.83 -30.90 12.71
CA SER B 258 4.64 -31.71 12.82
CA SER B 258 4.64 -31.73 12.88
C SER B 258 4.76 -33.02 12.05
C SER B 258 4.77 -33.02 12.08
N GLU B 259 4.10 -34.05 12.56
CA GLU B 259 4.04 -35.33 11.86
C GLU B 259 2.70 -35.56 11.19
N HIS B 260 1.75 -34.63 11.38
CA HIS B 260 0.43 -34.73 10.76
C HIS B 260 0.09 -33.39 10.13
N PHE B 261 -0.47 -33.46 8.92
CA PHE B 261 -0.83 -32.30 8.12
C PHE B 261 -2.22 -32.53 7.51
N LEU B 262 -2.95 -31.42 7.35
CA LEU B 262 -4.26 -31.43 6.71
C LEU B 262 -4.21 -30.59 5.43
N PHE B 263 -4.72 -31.16 4.34
CA PHE B 263 -4.96 -30.46 3.08
C PHE B 263 -6.43 -30.05 3.03
N ILE B 264 -6.69 -28.81 2.64
CA ILE B 264 -8.02 -28.33 2.29
C ILE B 264 -7.97 -27.72 0.90
N GLY B 265 -8.87 -28.15 0.02
CA GLY B 265 -9.03 -27.54 -1.28
C GLY B 265 -10.48 -27.12 -1.51
N ASP B 266 -10.63 -26.13 -2.40
CA ASP B 266 -11.98 -25.67 -2.75
C ASP B 266 -12.47 -26.38 -4.00
N ARG B 267 -13.76 -26.77 -3.97
CA ARG B 267 -14.49 -27.21 -5.15
C ARG B 267 -15.42 -26.09 -5.59
N TRP B 268 -14.88 -25.16 -6.38
CA TRP B 268 -15.61 -23.97 -6.75
C TRP B 268 -16.79 -24.32 -7.65
N GLN B 269 -17.95 -23.78 -7.32
CA GLN B 269 -19.12 -23.89 -8.20
C GLN B 269 -19.48 -22.49 -8.67
N GLU B 270 -19.07 -22.17 -9.92
CA GLU B 270 -19.14 -20.81 -10.44
C GLU B 270 -20.55 -20.21 -10.30
N HIS B 271 -21.58 -21.04 -10.49
CA HIS B 271 -22.96 -20.57 -10.47
C HIS B 271 -23.66 -20.79 -9.13
N ASP B 272 -22.96 -21.27 -8.12
CA ASP B 272 -23.55 -21.49 -6.81
C ASP B 272 -22.41 -21.38 -5.79
N LEU B 273 -21.75 -20.21 -5.77
CA LEU B 273 -20.48 -20.11 -5.07
C LEU B 273 -20.60 -20.35 -3.57
N GLY B 274 -21.70 -19.88 -2.95
CA GLY B 274 -21.87 -20.02 -1.51
C GLY B 274 -21.91 -21.47 -1.05
N ASN B 275 -22.31 -22.38 -1.93
CA ASN B 275 -22.38 -23.81 -1.64
C ASN B 275 -21.22 -24.61 -2.24
N SER B 276 -20.11 -23.94 -2.55
CA SER B 276 -18.92 -24.62 -3.04
C SER B 276 -18.39 -25.57 -1.96
N PRO B 277 -18.26 -26.87 -2.23
CA PRO B 277 -17.72 -27.77 -1.20
C PRO B 277 -16.22 -27.59 -0.96
N ILE B 278 -15.71 -28.31 0.02
CA ILE B 278 -14.28 -28.45 0.21
C ILE B 278 -13.89 -29.92 0.11
N VAL B 279 -12.61 -30.15 -0.19
CA VAL B 279 -11.96 -31.45 -0.07
C VAL B 279 -11.02 -31.33 1.11
N GLN B 280 -11.20 -32.18 2.12
CA GLN B 280 -10.42 -32.14 3.36
C GLN B 280 -9.79 -33.52 3.57
N MET B 281 -8.45 -33.58 3.64
CA MET B 281 -7.77 -34.87 3.62
C MET B 281 -6.47 -34.78 4.39
N PRO B 282 -5.98 -35.89 4.97
CA PRO B 282 -4.59 -35.89 5.44
C PRO B 282 -3.66 -35.84 4.23
N ILE B 283 -2.54 -35.12 4.36
CA ILE B 283 -1.50 -35.06 3.33
C ILE B 283 -0.19 -35.55 3.95
N SER B 284 0.51 -36.44 3.25
CA SER B 284 1.77 -37.02 3.73
C SER B 284 2.90 -36.07 3.36
N ILE B 285 3.75 -35.72 4.34
CA ILE B 285 4.85 -34.77 4.18
C ILE B 285 6.06 -35.34 4.91
N ALA B 286 7.13 -35.68 4.18
CA ALA B 286 8.32 -36.24 4.82
C ALA B 286 9.53 -36.11 3.92
N ASP B 287 10.59 -35.51 4.46
CA ASP B 287 11.91 -35.51 3.83
C ASP B 287 11.86 -34.98 2.40
N GLY B 288 11.07 -33.91 2.20
CA GLY B 288 10.95 -33.25 0.90
C GLY B 288 9.94 -33.84 -0.05
N VAL B 289 9.14 -34.84 0.38
CA VAL B 289 8.16 -35.53 -0.45
C VAL B 289 6.76 -35.30 0.13
N ALA B 290 5.83 -34.85 -0.73
CA ALA B 290 4.43 -34.66 -0.35
C ALA B 290 3.56 -35.56 -1.22
N SER B 291 2.59 -36.24 -0.58
N SER B 291 2.60 -36.25 -0.59
CA SER B 291 1.70 -37.15 -1.27
CA SER B 291 1.70 -37.10 -1.36
C SER B 291 0.30 -37.01 -0.70
C SER B 291 0.31 -37.12 -0.74
N LEU B 292 -0.68 -36.89 -1.58
CA LEU B 292 -2.09 -36.82 -1.21
C LEU B 292 -2.79 -38.01 -1.85
N THR B 293 -3.41 -38.86 -1.01
CA THR B 293 -3.98 -40.13 -1.46
C THR B 293 -5.40 -40.26 -0.88
N TRP B 294 -6.38 -40.52 -1.75
CA TRP B 294 -7.75 -40.75 -1.35
C TRP B 294 -7.93 -42.16 -0.75
N SER B 295 -8.98 -42.32 0.06
CA SER B 295 -9.45 -43.62 0.50
C SER B 295 -10.95 -43.72 0.26
N ASP B 296 -11.37 -44.91 -0.18
CA ASP B 296 -12.78 -45.14 -0.51
C ASP B 296 -13.71 -44.78 0.65
N THR B 297 -13.22 -44.91 1.89
CA THR B 297 -14.04 -44.64 3.05
C THR B 297 -14.35 -43.16 3.22
N TYR B 298 -13.61 -42.27 2.55
CA TYR B 298 -13.88 -40.83 2.65
C TYR B 298 -15.25 -40.50 2.08
N GLU B 299 -15.82 -39.41 2.60
CA GLU B 299 -17.10 -38.87 2.18
CA GLU B 299 -17.11 -38.89 2.17
C GLU B 299 -17.01 -38.31 0.76
N GLY B 300 -18.15 -38.36 0.04
CA GLY B 300 -18.14 -37.80 -1.29
C GLY B 300 -17.31 -38.63 -2.26
N THR B 301 -16.97 -38.02 -3.39
CA THR B 301 -16.28 -38.69 -4.50
C THR B 301 -15.05 -37.92 -4.97
N THR B 302 -14.13 -38.65 -5.63
CA THR B 302 -12.89 -38.10 -6.16
C THR B 302 -13.12 -37.11 -7.30
N HIS B 303 -14.29 -37.14 -7.93
CA HIS B 303 -14.65 -36.11 -8.89
C HIS B 303 -16.08 -35.69 -8.61
N ARG B 304 -16.36 -34.40 -8.73
CA ARG B 304 -17.70 -33.90 -8.39
C ARG B 304 -18.73 -34.42 -9.40
C1 BTB C . -8.57 -18.10 -8.64
O1 BTB C . -7.95 -19.01 -7.76
C2 BTB C . -9.79 -18.74 -9.32
C3 BTB C . -10.77 -19.26 -8.27
O3 BTB C . -11.38 -18.22 -7.56
C4 BTB C . -9.28 -19.94 -10.11
O4 BTB C . -8.55 -19.49 -11.21
N BTB C . -10.42 -17.81 -10.26
C5 BTB C . -10.68 -16.50 -9.68
C6 BTB C . -10.31 -15.42 -10.70
O6 BTB C . -8.91 -15.36 -10.85
C7 BTB C . -11.65 -18.34 -10.82
C8 BTB C . -12.02 -17.55 -12.08
O8 BTB C . -10.95 -17.52 -12.98
#